data_3DIS
#
_entry.id   3DIS
#
_cell.length_a   54.252
_cell.length_b   78.624
_cell.length_c   141.876
_cell.angle_alpha   90.00
_cell.angle_beta   90.00
_cell.angle_gamma   90.00
#
_symmetry.space_group_name_H-M   'P 21 21 21'
#
loop_
_entity.id
_entity.type
_entity.pdbx_description
1 polymer 'RNA (174-MER)'
2 non-polymer 'SODIUM ION'
3 non-polymer 'ISOPROPYL ALCOHOL'
4 water water
#
_entity_poly.entity_id   1
_entity_poly.type   'polyribonucleotide'
_entity_poly.pdbx_seq_one_letter_code
;GGCCGACGGAGGCGCGCCCGAGAUGAGUAGGCUGUCCCAUCAGGGGAGGAAUCGGGGACGGCUGAAAGGCGAGGGCGCCG
AAGGGUGCAGAGUUCCUCCCGCUCUGCAUGCCUGGGGGUAUGGGGAAUACCCAUACCACUGUCACGGAGGUCUCUCCGUG
GAGAGCCGUCGGU(CCC)
;
_entity_poly.pdbx_strand_id   A
#
loop_
_chem_comp.id
_chem_comp.type
_chem_comp.name
_chem_comp.formula
A RNA linking ADENOSINE-5'-MONOPHOSPHATE 'C10 H14 N5 O7 P'
C RNA linking CYTIDINE-5'-MONOPHOSPHATE 'C9 H14 N3 O8 P'
CCC RNA linking 'CYTIDINE-5'-PHOSPHATE-2',3'-CYCLIC PHOSPHATE' 'C9 H13 N3 O10 P2'
G RNA linking GUANOSINE-5'-MONOPHOSPHATE 'C10 H14 N5 O8 P'
IPA non-polymer 'ISOPROPYL ALCOHOL' 'C3 H8 O'
NA non-polymer 'SODIUM ION' 'Na 1'
U RNA linking URIDINE-5'-MONOPHOSPHATE 'C9 H13 N2 O9 P'
#
# COMPACT_ATOMS: atom_id res chain seq x y z
PC CCC A 174 -13.11 1.93 -15.13
O1C CCC A 174 -14.30 1.61 -16.01
O2C CCC A 174 -11.74 1.87 -15.77
P CCC A 174 -15.50 6.05 -9.69
OP1 CCC A 174 -15.57 7.20 -10.67
OP2 CCC A 174 -16.75 5.61 -8.97
O5' CCC A 174 -14.89 4.76 -10.43
C5' CCC A 174 -14.86 4.63 -11.86
C4' CCC A 174 -13.44 4.25 -12.29
O4' CCC A 174 -12.78 3.51 -11.25
C3' CCC A 174 -13.35 3.24 -13.39
O3' CCC A 174 -12.76 3.32 -14.70
C2' CCC A 174 -13.56 1.89 -12.81
O2' CCC A 174 -13.05 1.01 -13.79
C1' CCC A 174 -12.74 2.09 -11.55
N1 CCC A 174 -13.33 1.30 -10.46
C2 CCC A 174 -13.16 -0.11 -10.39
O2 CCC A 174 -12.49 -0.72 -11.26
N3 CCC A 174 -13.72 -0.82 -9.38
C4 CCC A 174 -14.44 -0.20 -8.41
N4 CCC A 174 -15.00 -0.91 -7.39
C5 CCC A 174 -14.63 1.18 -8.47
C6 CCC A 174 -14.06 1.91 -9.51
NA NA B . 26.93 0.51 26.38
NA NA C . 36.49 3.25 27.68
NA NA D . 23.16 -8.56 15.45
NA NA E . 2.69 -2.18 11.05
NA NA F . 24.59 -3.65 23.24
NA NA G . 54.85 20.54 4.87
NA NA H . 20.58 4.27 5.04
NA NA I . 1.45 0.60 20.82
NA NA J . 23.84 -5.97 20.05
NA NA K . 46.26 -4.31 36.03
NA NA L . -9.41 3.29 11.41
C1 IPA M . 21.43 -20.29 20.76
C2 IPA M . 22.89 -20.37 20.31
C3 IPA M . 23.48 -21.76 20.50
#